data_8PG5
#
_entry.id   8PG5
#
_cell.length_a   39.515
_cell.length_b   67.992
_cell.length_c   40.245
_cell.angle_alpha   90.000
_cell.angle_beta   93.250
_cell.angle_gamma   90.000
#
_symmetry.space_group_name_H-M   'P 1 21 1'
#
loop_
_entity.id
_entity.type
_entity.pdbx_description
1 polymer 'Beta-lactamase VIM-1'
2 non-polymer 'ZINC ION'
3 non-polymer '3-[3-fluoranyl-4-(methylsulfonylmethyl)phenyl]-7-[(1~{S})-1-(piperidin-4-ylmethoxy)ethyl]-1~{H}-indole-2-carboxylic acid'
4 water water
#
_entity_poly.entity_id   1
_entity_poly.type   'polypeptide(L)'
_entity_poly.pdbx_seq_one_letter_code
;MLKVISSLLVYMTASVMAVASPLAHSGEPSGEYPTVNEIPVGEVRLYQIADGVWSHIATQSFDGAVYPSNGLIVRDGDEL
LLIDTAWGAKNTAALLAEIEKQIGLPVTRAVSTHFHDDRVGGVDVLRAAGVATYASPSTRRLAEAEGNEIPTHSLEGLSS
SGDAVRFGPVELFYPGAAHSTDNLVVYVPSANVLYGGCAVHELSSTSAGNVADADLAEWPTSVERIQKHYPEAEVVIPGH
GLPGGLDLLQHTANVVKAHKNRSVAE
;
_entity_poly.pdbx_strand_id   A
#
loop_
_chem_comp.id
_chem_comp.type
_chem_comp.name
_chem_comp.formula
YR8 non-polymer '3-[3-fluoranyl-4-(methylsulfonylmethyl)phenyl]-7-[(1~{S})-1-(piperidin-4-ylmethoxy)ethyl]-1~{H}-indole-2-carboxylic acid' 'C25 H29 F N2 O5 S'
ZN non-polymer 'ZINC ION' 'Zn 2'
#
# COMPACT_ATOMS: atom_id res chain seq x y z
N SER A 30 5.20 21.15 4.78
CA SER A 30 6.49 21.81 4.53
C SER A 30 7.66 20.87 4.81
N GLY A 31 7.59 19.63 4.37
CA GLY A 31 8.67 18.68 4.55
C GLY A 31 8.46 17.54 5.54
N GLU A 32 7.57 17.70 6.54
CA GLU A 32 7.26 16.59 7.45
C GLU A 32 6.31 15.61 6.76
N TYR A 33 6.22 14.38 7.25
CA TYR A 33 5.35 13.41 6.55
C TYR A 33 3.90 13.88 6.74
N PRO A 34 3.08 13.94 5.65
CA PRO A 34 1.74 14.54 5.75
C PRO A 34 0.78 13.65 6.48
N THR A 35 -0.12 14.34 7.15
CA THR A 35 -1.17 13.70 7.90
C THR A 35 -2.50 14.30 7.43
N VAL A 36 -3.55 13.66 7.91
N VAL A 36 -3.61 13.87 7.95
CA VAL A 36 -4.93 14.11 7.69
CA VAL A 36 -4.87 14.46 7.50
C VAL A 36 -5.07 15.60 7.94
C VAL A 36 -4.97 15.97 7.63
N ASN A 37 -4.56 16.06 9.07
N ASN A 37 -4.15 16.57 8.49
CA ASN A 37 -4.71 17.46 9.42
CA ASN A 37 -4.34 17.96 8.82
C ASN A 37 -4.22 18.34 8.30
C ASN A 37 -3.55 18.83 7.86
N GLU A 38 -3.34 17.81 7.49
N GLU A 38 -2.71 18.23 7.02
CA GLU A 38 -2.89 18.52 6.32
CA GLU A 38 -1.99 18.99 6.01
C GLU A 38 -3.57 18.04 5.10
C GLU A 38 -2.35 18.61 4.56
N ILE A 39 -4.40 16.99 5.17
N ILE A 39 -3.40 17.82 4.36
CA ILE A 39 -4.96 16.41 3.97
CA ILE A 39 -3.88 17.53 3.02
C ILE A 39 -6.48 16.38 4.03
C ILE A 39 -5.20 18.27 2.83
N PRO A 40 -7.13 17.37 3.44
N PRO A 40 -5.28 19.25 1.93
CA PRO A 40 -8.57 17.25 3.27
CA PRO A 40 -6.57 19.91 1.72
C PRO A 40 -8.88 16.05 2.41
C PRO A 40 -7.61 18.93 1.21
N VAL A 41 -10.03 15.45 2.66
N VAL A 41 -8.89 19.30 1.43
CA VAL A 41 -10.38 14.34 1.78
CA VAL A 41 -9.99 18.40 1.16
C VAL A 41 -10.57 14.90 0.38
C VAL A 41 -9.95 17.95 -0.30
N GLY A 42 -10.02 14.21 -0.61
N GLY A 42 -10.07 16.63 -0.51
CA GLY A 42 -10.02 14.65 -1.99
CA GLY A 42 -10.06 16.00 -1.81
C GLY A 42 -8.70 15.18 -2.50
C GLY A 42 -8.72 16.02 -2.53
N GLU A 43 -7.75 15.50 -1.62
N GLU A 43 -7.62 16.31 -1.81
CA GLU A 43 -6.45 16.03 -2.01
CA GLU A 43 -6.31 16.35 -2.47
C GLU A 43 -5.40 14.96 -1.87
C GLU A 43 -5.44 15.19 -1.96
N VAL A 44 -4.29 15.06 -2.61
CA VAL A 44 -3.26 14.06 -2.42
C VAL A 44 -1.92 14.76 -2.28
N ARG A 45 -1.08 14.24 -1.40
CA ARG A 45 0.28 14.71 -1.26
C ARG A 45 1.26 13.60 -1.58
N LEU A 46 2.41 13.99 -2.07
CA LEU A 46 3.52 13.09 -2.32
C LEU A 46 4.63 13.39 -1.34
N TYR A 47 5.41 12.36 -1.01
CA TYR A 47 6.55 12.49 -0.09
C TYR A 47 7.71 11.75 -0.70
N GLN A 48 8.83 12.43 -0.87
CA GLN A 48 10.01 11.77 -1.42
C GLN A 48 10.64 10.87 -0.38
N ILE A 49 10.74 9.59 -0.68
CA ILE A 49 11.30 8.60 0.22
C ILE A 49 12.77 8.39 -0.05
N ALA A 50 13.15 8.29 -1.34
CA ALA A 50 14.51 8.03 -1.78
C ALA A 50 14.58 8.48 -3.22
N ASP A 51 15.76 8.38 -3.83
CA ASP A 51 15.86 8.69 -5.24
CA ASP A 51 15.88 8.71 -5.24
C ASP A 51 14.94 7.79 -6.05
N GLY A 52 14.01 8.39 -6.78
CA GLY A 52 13.07 7.64 -7.61
C GLY A 52 12.00 6.89 -6.85
N VAL A 53 11.76 7.23 -5.59
CA VAL A 53 10.74 6.56 -4.76
C VAL A 53 9.99 7.63 -4.01
N TRP A 54 8.67 7.65 -4.14
CA TRP A 54 7.78 8.51 -3.40
C TRP A 54 6.71 7.67 -2.73
N SER A 55 6.19 8.16 -1.62
CA SER A 55 4.88 7.70 -1.19
C SER A 55 3.83 8.71 -1.58
N HIS A 56 2.59 8.23 -1.73
CA HIS A 56 1.44 9.08 -1.89
C HIS A 56 0.52 8.92 -0.70
N ILE A 57 -0.08 10.01 -0.27
CA ILE A 57 -0.89 10.06 0.94
C ILE A 57 -2.20 10.76 0.59
N ALA A 58 -3.31 10.14 0.99
CA ALA A 58 -4.64 10.69 0.76
C ALA A 58 -5.47 10.36 1.99
N THR A 59 -6.65 10.99 2.07
CA THR A 59 -7.53 10.67 3.19
CA THR A 59 -7.56 10.81 3.20
C THR A 59 -8.92 10.35 2.68
N GLN A 60 -9.60 9.50 3.45
CA GLN A 60 -10.93 9.06 3.05
C GLN A 60 -11.77 8.83 4.30
N SER A 61 -13.08 8.97 4.12
N SER A 61 -13.06 8.99 4.14
CA SER A 61 -14.10 8.70 5.11
CA SER A 61 -13.97 8.64 5.21
C SER A 61 -14.56 7.27 4.94
C SER A 61 -14.59 7.28 4.97
N PHE A 62 -14.75 6.56 6.06
CA PHE A 62 -15.27 5.19 6.01
C PHE A 62 -16.00 4.96 7.32
N ASP A 63 -17.27 4.61 7.23
CA ASP A 63 -18.09 4.38 8.42
C ASP A 63 -18.03 5.56 9.40
N GLY A 64 -17.98 6.77 8.83
CA GLY A 64 -18.09 7.94 9.69
C GLY A 64 -16.79 8.37 10.37
N ALA A 65 -15.65 7.83 10.01
CA ALA A 65 -14.36 8.27 10.53
C ALA A 65 -13.45 8.55 9.35
N VAL A 66 -12.46 9.40 9.56
CA VAL A 66 -11.51 9.81 8.52
C VAL A 66 -10.18 9.17 8.79
N TYR A 67 -9.58 8.61 7.74
CA TYR A 67 -8.34 7.87 7.81
C TYR A 67 -7.38 8.37 6.75
N PRO A 68 -6.08 8.41 7.03
CA PRO A 68 -5.06 8.53 5.99
C PRO A 68 -4.76 7.15 5.39
N SER A 69 -4.20 7.12 4.19
N SER A 69 -4.06 7.16 4.27
CA SER A 69 -3.59 5.92 3.68
CA SER A 69 -3.66 5.93 3.59
C SER A 69 -2.49 6.26 2.74
C SER A 69 -2.52 6.23 2.65
N ASN A 70 -1.54 5.33 2.61
CA ASN A 70 -0.36 5.44 1.78
C ASN A 70 -0.42 4.54 0.56
N GLY A 71 0.29 4.95 -0.47
CA GLY A 71 0.73 4.13 -1.57
C GLY A 71 2.14 4.49 -1.98
N LEU A 72 2.62 3.91 -3.07
CA LEU A 72 3.99 4.08 -3.50
C LEU A 72 4.04 4.48 -4.98
N ILE A 73 5.08 5.23 -5.36
CA ILE A 73 5.39 5.54 -6.73
C ILE A 73 6.87 5.25 -6.92
N VAL A 74 7.21 4.50 -7.97
CA VAL A 74 8.59 4.14 -8.23
C VAL A 74 8.95 4.47 -9.65
N ARG A 75 10.01 5.26 -9.82
N ARG A 75 10.02 5.25 -9.83
CA ARG A 75 10.49 5.58 -11.16
CA ARG A 75 10.46 5.59 -11.18
C ARG A 75 10.95 4.32 -11.89
C ARG A 75 10.98 4.36 -11.90
N ASP A 76 10.52 4.21 -13.15
CA ASP A 76 10.70 3.02 -14.00
C ASP A 76 11.25 3.58 -15.35
N GLY A 77 12.49 4.04 -15.34
CA GLY A 77 13.08 4.72 -16.49
C GLY A 77 12.47 6.09 -16.71
N ASP A 78 11.78 6.27 -17.82
CA ASP A 78 10.98 7.46 -18.08
C ASP A 78 9.51 7.23 -17.89
N GLU A 79 9.14 6.21 -17.14
CA GLU A 79 7.76 5.98 -16.77
C GLU A 79 7.71 5.79 -15.25
N LEU A 80 6.49 5.65 -14.71
CA LEU A 80 6.28 5.41 -13.28
C LEU A 80 5.44 4.15 -13.08
N LEU A 81 5.83 3.40 -12.06
CA LEU A 81 5.03 2.29 -11.49
C LEU A 81 4.32 2.82 -10.23
N LEU A 82 3.02 2.61 -10.19
CA LEU A 82 2.20 2.97 -9.04
C LEU A 82 1.87 1.73 -8.21
N ILE A 83 2.00 1.85 -6.90
CA ILE A 83 1.56 0.82 -5.97
C ILE A 83 0.40 1.39 -5.18
N ASP A 84 -0.80 0.81 -5.39
CA ASP A 84 -2.06 1.09 -4.72
C ASP A 84 -2.66 2.41 -5.15
N THR A 85 -4.01 2.40 -5.20
CA THR A 85 -4.78 3.60 -5.45
C THR A 85 -4.72 4.51 -4.22
N ALA A 86 -5.33 5.70 -4.36
CA ALA A 86 -5.42 6.67 -3.27
C ALA A 86 -6.74 6.58 -2.52
N TRP A 87 -7.40 5.43 -2.55
CA TRP A 87 -8.62 5.15 -1.77
C TRP A 87 -9.78 5.97 -2.26
N GLY A 88 -10.25 5.62 -3.46
CA GLY A 88 -11.43 6.26 -4.03
C GLY A 88 -11.15 6.81 -5.42
N ALA A 89 -12.22 6.94 -6.20
CA ALA A 89 -12.11 7.44 -7.55
C ALA A 89 -11.62 8.87 -7.60
N LYS A 90 -12.28 9.77 -6.86
N LYS A 90 -12.24 9.77 -6.83
CA LYS A 90 -11.86 11.17 -6.87
CA LYS A 90 -11.82 11.16 -6.93
C LYS A 90 -10.44 11.33 -6.37
C LYS A 90 -10.44 11.37 -6.34
N ASN A 91 -10.11 10.66 -5.26
CA ASN A 91 -8.75 10.74 -4.72
C ASN A 91 -7.71 10.25 -5.75
N THR A 92 -8.06 9.19 -6.49
CA THR A 92 -7.12 8.62 -7.46
C THR A 92 -6.95 9.55 -8.66
N ALA A 93 -8.03 10.22 -9.09
CA ALA A 93 -7.87 11.26 -10.11
C ALA A 93 -6.93 12.36 -9.61
N ALA A 94 -7.12 12.77 -8.36
CA ALA A 94 -6.27 13.80 -7.77
C ALA A 94 -4.83 13.34 -7.67
N LEU A 95 -4.63 12.05 -7.39
CA LEU A 95 -3.29 11.47 -7.37
C LEU A 95 -2.60 11.63 -8.72
N LEU A 96 -3.29 11.26 -9.81
CA LEU A 96 -2.69 11.38 -11.13
C LEU A 96 -2.33 12.85 -11.42
N ALA A 97 -3.20 13.79 -11.00
CA ALA A 97 -2.90 15.20 -11.25
C ALA A 97 -1.69 15.64 -10.42
N GLU A 98 -1.59 15.19 -9.18
CA GLU A 98 -0.46 15.55 -8.34
C GLU A 98 0.85 14.98 -8.89
N ILE A 99 0.82 13.75 -9.42
CA ILE A 99 2.00 13.16 -10.05
C ILE A 99 2.44 14.00 -11.25
N GLU A 100 1.48 14.44 -12.06
CA GLU A 100 1.83 15.25 -13.22
C GLU A 100 2.48 16.54 -12.81
N LYS A 101 1.98 17.16 -11.76
CA LYS A 101 2.51 18.41 -11.24
C LYS A 101 3.91 18.25 -10.68
N GLN A 102 4.14 17.23 -9.86
CA GLN A 102 5.34 17.06 -9.07
C GLN A 102 6.42 16.29 -9.75
N ILE A 103 6.07 15.36 -10.63
CA ILE A 103 7.01 14.44 -11.24
C ILE A 103 7.02 14.54 -12.76
N GLY A 104 5.86 14.53 -13.37
CA GLY A 104 5.78 14.80 -14.80
C GLY A 104 6.12 13.66 -15.70
N LEU A 105 6.12 12.43 -15.20
CA LEU A 105 6.34 11.22 -15.98
C LEU A 105 5.06 10.42 -15.97
N PRO A 106 4.77 9.66 -17.03
CA PRO A 106 3.49 8.95 -17.10
C PRO A 106 3.47 7.72 -16.21
N VAL A 107 2.34 7.52 -15.53
CA VAL A 107 2.08 6.28 -14.82
C VAL A 107 1.61 5.27 -15.84
N THR A 108 2.35 4.17 -16.00
CA THR A 108 2.02 3.19 -17.02
C THR A 108 1.41 1.91 -16.45
N ARG A 109 1.76 1.57 -15.22
CA ARG A 109 1.32 0.33 -14.62
C ARG A 109 1.02 0.64 -13.15
N ALA A 110 0.09 -0.14 -12.59
CA ALA A 110 -0.24 -0.10 -11.17
C ALA A 110 -0.42 -1.50 -10.66
N VAL A 111 0.02 -1.72 -9.42
CA VAL A 111 -0.19 -2.96 -8.69
C VAL A 111 -0.98 -2.63 -7.43
N SER A 112 -2.03 -3.42 -7.17
CA SER A 112 -2.80 -3.31 -5.93
C SER A 112 -2.40 -4.43 -5.00
N THR A 113 -2.08 -4.09 -3.76
CA THR A 113 -1.45 -5.03 -2.85
C THR A 113 -2.42 -5.86 -1.99
N HIS A 114 -3.72 -5.52 -2.00
CA HIS A 114 -4.79 -6.42 -1.56
C HIS A 114 -6.11 -5.85 -2.05
N PHE A 115 -7.21 -6.47 -1.65
CA PHE A 115 -8.49 -6.26 -2.32
C PHE A 115 -9.34 -5.13 -1.74
N HIS A 116 -8.91 -4.50 -0.63
CA HIS A 116 -9.72 -3.48 0.02
C HIS A 116 -9.73 -2.19 -0.79
N ASP A 117 -10.71 -1.31 -0.50
N ASP A 117 -10.70 -1.31 -0.46
CA ASP A 117 -10.91 -0.09 -1.28
CA ASP A 117 -10.90 -0.09 -1.26
C ASP A 117 -9.77 0.90 -1.18
C ASP A 117 -9.71 0.85 -1.22
N ASP A 118 -8.94 0.85 -0.13
CA ASP A 118 -7.75 1.68 -0.05
C ASP A 118 -6.62 1.20 -0.97
N ARG A 119 -6.82 0.10 -1.69
CA ARG A 119 -5.84 -0.47 -2.58
C ARG A 119 -6.34 -0.55 -4.01
N VAL A 120 -7.64 -0.85 -4.20
CA VAL A 120 -8.24 -0.99 -5.53
C VAL A 120 -9.27 0.08 -5.83
N GLY A 121 -9.73 0.88 -4.86
CA GLY A 121 -10.73 1.88 -5.15
C GLY A 121 -10.08 3.02 -5.90
N GLY A 122 -10.43 3.16 -7.16
CA GLY A 122 -9.72 4.02 -8.07
C GLY A 122 -9.12 3.29 -9.27
N VAL A 123 -9.17 1.96 -9.28
CA VAL A 123 -8.66 1.18 -10.41
C VAL A 123 -9.43 1.54 -11.69
N ASP A 124 -10.74 1.80 -11.60
CA ASP A 124 -11.50 2.18 -12.81
C ASP A 124 -10.96 3.51 -13.36
N VAL A 125 -10.70 4.51 -12.48
CA VAL A 125 -10.07 5.75 -12.91
C VAL A 125 -8.72 5.48 -13.59
N LEU A 126 -7.88 4.65 -12.95
CA LEU A 126 -6.57 4.34 -13.55
C LEU A 126 -6.72 3.74 -14.92
N ARG A 127 -7.59 2.75 -15.06
N ARG A 127 -7.63 2.78 -15.05
CA ARG A 127 -7.74 2.09 -16.35
CA ARG A 127 -7.84 2.04 -16.29
C ARG A 127 -8.22 3.07 -17.42
C ARG A 127 -8.35 2.96 -17.40
N ALA A 128 -9.17 3.96 -17.07
CA ALA A 128 -9.66 4.92 -18.05
C ALA A 128 -8.62 5.99 -18.37
N ALA A 129 -7.60 6.12 -17.56
CA ALA A 129 -6.48 6.97 -17.87
C ALA A 129 -5.37 6.23 -18.59
N GLY A 130 -5.61 4.98 -19.00
CA GLY A 130 -4.64 4.20 -19.76
C GLY A 130 -3.59 3.49 -18.94
N VAL A 131 -3.71 3.43 -17.63
CA VAL A 131 -2.79 2.69 -16.77
C VAL A 131 -3.20 1.23 -16.77
N ALA A 132 -2.24 0.36 -16.97
CA ALA A 132 -2.45 -1.09 -16.90
C ALA A 132 -2.45 -1.49 -15.43
N THR A 133 -3.51 -2.12 -14.96
CA THR A 133 -3.70 -2.45 -13.55
C THR A 133 -3.53 -3.95 -13.32
N TYR A 134 -2.81 -4.27 -12.25
CA TYR A 134 -2.42 -5.62 -11.91
C TYR A 134 -2.71 -5.92 -10.46
N ALA A 135 -2.97 -7.23 -10.19
CA ALA A 135 -3.06 -7.76 -8.82
C ALA A 135 -2.94 -9.26 -8.90
N SER A 136 -2.69 -9.91 -7.77
CA SER A 136 -2.67 -11.35 -7.77
C SER A 136 -4.05 -11.92 -8.09
N PRO A 137 -4.14 -13.17 -8.53
CA PRO A 137 -5.46 -13.77 -8.73
C PRO A 137 -6.26 -13.82 -7.45
N SER A 138 -5.59 -13.97 -6.31
N SER A 138 -5.61 -14.04 -6.31
CA SER A 138 -6.27 -14.01 -5.02
CA SER A 138 -6.33 -14.01 -5.04
C SER A 138 -6.93 -12.67 -4.73
C SER A 138 -7.00 -12.65 -4.84
N THR A 139 -6.23 -11.58 -5.00
CA THR A 139 -6.80 -10.24 -4.82
C THR A 139 -7.93 -10.03 -5.79
N ARG A 140 -7.77 -10.40 -7.06
CA ARG A 140 -8.84 -10.20 -8.03
C ARG A 140 -10.10 -10.93 -7.63
N ARG A 141 -9.99 -12.18 -7.19
CA ARG A 141 -11.15 -12.98 -6.77
C ARG A 141 -11.84 -12.33 -5.58
N LEU A 142 -11.08 -11.86 -4.59
CA LEU A 142 -11.67 -11.29 -3.39
C LEU A 142 -12.35 -9.95 -3.74
N ALA A 143 -11.68 -9.14 -4.57
CA ALA A 143 -12.28 -7.88 -5.01
C ALA A 143 -13.61 -8.11 -5.71
N GLU A 144 -13.61 -9.07 -6.66
CA GLU A 144 -14.83 -9.43 -7.37
C GLU A 144 -15.93 -9.86 -6.44
N ALA A 145 -15.62 -10.72 -5.49
CA ALA A 145 -16.65 -11.25 -4.63
C ALA A 145 -17.23 -10.20 -3.75
N GLU A 146 -16.43 -9.21 -3.33
CA GLU A 146 -16.87 -8.13 -2.44
CA GLU A 146 -16.86 -8.14 -2.44
C GLU A 146 -17.53 -6.98 -3.16
N GLY A 147 -17.44 -6.92 -4.47
CA GLY A 147 -17.98 -5.79 -5.20
C GLY A 147 -17.04 -4.60 -5.28
N ASN A 148 -15.76 -4.82 -5.13
CA ASN A 148 -14.79 -3.74 -5.26
C ASN A 148 -14.26 -3.71 -6.68
N GLU A 149 -13.55 -2.63 -7.03
CA GLU A 149 -12.98 -2.52 -8.37
C GLU A 149 -11.92 -3.57 -8.60
N ILE A 150 -11.81 -4.05 -9.83
CA ILE A 150 -11.04 -5.25 -10.13
C ILE A 150 -9.89 -4.87 -11.07
N PRO A 151 -8.64 -5.02 -10.66
CA PRO A 151 -7.50 -4.85 -11.58
C PRO A 151 -7.63 -5.77 -12.79
N THR A 152 -7.09 -5.33 -13.93
CA THR A 152 -7.26 -6.06 -15.16
C THR A 152 -6.44 -7.34 -15.23
N HIS A 153 -5.18 -7.29 -14.82
CA HIS A 153 -4.21 -8.31 -15.12
C HIS A 153 -3.82 -9.08 -13.87
N SER A 154 -3.64 -10.38 -14.01
CA SER A 154 -3.30 -11.27 -12.93
C SER A 154 -1.80 -11.45 -12.79
N LEU A 155 -1.30 -11.37 -11.56
CA LEU A 155 0.10 -11.59 -11.23
C LEU A 155 0.29 -13.02 -10.70
N GLU A 156 0.78 -13.90 -11.56
CA GLU A 156 1.08 -15.28 -11.20
C GLU A 156 2.40 -15.34 -10.44
N GLY A 157 2.69 -16.50 -9.88
CA GLY A 157 3.93 -16.68 -9.20
C GLY A 157 4.01 -16.21 -7.78
N LEU A 158 2.85 -15.88 -7.17
CA LEU A 158 2.78 -15.30 -5.85
C LEU A 158 1.84 -16.06 -4.93
N SER A 159 1.45 -17.29 -5.29
CA SER A 159 0.39 -17.95 -4.55
C SER A 159 0.85 -18.68 -3.30
N SER A 160 2.14 -18.91 -3.09
N SER A 160 2.16 -18.88 -3.12
CA SER A 160 2.63 -19.56 -1.88
CA SER A 160 2.74 -19.65 -2.03
C SER A 160 3.44 -18.59 -1.01
C SER A 160 3.54 -18.71 -1.13
N SER A 161 3.28 -18.65 0.31
N SER A 161 3.36 -18.81 0.18
CA SER A 161 4.05 -17.74 1.17
CA SER A 161 4.09 -17.95 1.11
C SER A 161 5.54 -17.94 0.94
C SER A 161 5.59 -17.99 0.80
N GLY A 162 6.25 -16.82 0.81
CA GLY A 162 7.66 -16.77 0.48
C GLY A 162 7.91 -16.53 -1.00
N ASP A 163 6.89 -16.55 -1.86
CA ASP A 163 7.06 -16.33 -3.25
C ASP A 163 7.44 -14.86 -3.53
N ALA A 164 8.25 -14.67 -4.56
CA ALA A 164 8.65 -13.36 -5.00
C ALA A 164 8.73 -13.35 -6.51
N VAL A 165 8.40 -12.21 -7.11
CA VAL A 165 8.53 -11.99 -8.54
C VAL A 165 9.00 -10.56 -8.76
N ARG A 166 9.66 -10.33 -9.88
CA ARG A 166 10.02 -8.99 -10.29
C ARG A 166 8.91 -8.33 -11.09
N PHE A 167 8.78 -7.02 -10.90
CA PHE A 167 7.77 -6.23 -11.61
C PHE A 167 8.39 -4.85 -11.81
N GLY A 168 8.96 -4.61 -12.97
CA GLY A 168 9.68 -3.37 -13.18
C GLY A 168 10.75 -3.18 -12.13
N PRO A 169 10.81 -1.99 -11.51
CA PRO A 169 11.87 -1.68 -10.55
C PRO A 169 11.61 -2.18 -9.14
N VAL A 170 10.60 -3.04 -8.93
CA VAL A 170 10.35 -3.59 -7.61
C VAL A 170 10.35 -5.11 -7.65
N GLU A 171 10.41 -5.69 -6.45
CA GLU A 171 10.11 -7.08 -6.17
C GLU A 171 8.80 -7.13 -5.40
N LEU A 172 7.89 -7.99 -5.83
CA LEU A 172 6.65 -8.27 -5.13
C LEU A 172 6.86 -9.53 -4.33
N PHE A 173 6.38 -9.56 -3.10
CA PHE A 173 6.59 -10.69 -2.18
C PHE A 173 5.29 -11.01 -1.49
N TYR A 174 4.94 -12.28 -1.45
CA TYR A 174 3.77 -12.72 -0.74
C TYR A 174 4.20 -13.34 0.59
N PRO A 175 3.96 -12.68 1.73
CA PRO A 175 4.52 -13.16 3.00
C PRO A 175 3.66 -14.21 3.68
N GLY A 176 2.46 -14.47 3.17
CA GLY A 176 1.46 -15.22 3.89
C GLY A 176 0.36 -14.31 4.41
N ALA A 177 -0.69 -14.96 4.92
CA ALA A 177 -1.85 -14.22 5.42
C ALA A 177 -1.46 -13.34 6.61
N ALA A 178 -2.02 -12.12 6.64
CA ALA A 178 -1.69 -11.18 7.72
C ALA A 178 -2.91 -10.26 7.92
N HIS A 179 -2.80 -9.02 7.45
CA HIS A 179 -3.94 -8.12 7.41
C HIS A 179 -5.07 -8.68 6.54
N SER A 180 -4.72 -9.38 5.48
CA SER A 180 -5.66 -10.10 4.63
C SER A 180 -4.93 -11.34 4.10
N THR A 181 -5.69 -12.26 3.49
N THR A 181 -5.71 -12.24 3.50
CA THR A 181 -5.04 -13.48 3.02
CA THR A 181 -5.15 -13.48 2.99
C THR A 181 -4.21 -13.23 1.79
C THR A 181 -4.32 -13.28 1.74
N ASP A 182 -4.51 -12.16 1.05
CA ASP A 182 -3.90 -11.85 -0.23
C ASP A 182 -2.80 -10.77 -0.15
N ASN A 183 -2.54 -10.20 1.02
CA ASN A 183 -1.65 -9.04 1.05
C ASN A 183 -0.26 -9.31 0.51
N LEU A 184 0.19 -8.40 -0.33
CA LEU A 184 1.53 -8.40 -0.89
C LEU A 184 2.35 -7.28 -0.29
N VAL A 185 3.65 -7.48 -0.36
N VAL A 185 3.64 -7.51 -0.18
CA VAL A 185 4.70 -6.58 0.11
CA VAL A 185 4.57 -6.42 0.13
C VAL A 185 5.50 -6.19 -1.12
C VAL A 185 5.48 -6.18 -1.08
N VAL A 186 6.08 -4.99 -1.12
CA VAL A 186 6.82 -4.50 -2.26
C VAL A 186 8.17 -4.02 -1.77
N TYR A 187 9.25 -4.44 -2.45
CA TYR A 187 10.59 -3.99 -2.10
C TYR A 187 11.20 -3.27 -3.29
N VAL A 188 11.85 -2.17 -3.04
CA VAL A 188 12.55 -1.39 -4.07
C VAL A 188 14.03 -1.64 -3.86
N PRO A 189 14.65 -2.56 -4.61
CA PRO A 189 16.07 -2.91 -4.32
C PRO A 189 17.02 -1.77 -4.49
N SER A 190 16.77 -0.82 -5.40
CA SER A 190 17.74 0.24 -5.62
C SER A 190 17.90 1.13 -4.39
N ALA A 191 16.87 1.17 -3.54
CA ALA A 191 16.84 2.09 -2.42
C ALA A 191 16.64 1.40 -1.09
N ASN A 192 16.55 0.10 -1.06
CA ASN A 192 16.25 -0.66 0.14
C ASN A 192 15.01 -0.15 0.85
N VAL A 193 13.98 0.12 0.07
CA VAL A 193 12.69 0.57 0.59
C VAL A 193 11.74 -0.60 0.64
N LEU A 194 11.18 -0.86 1.82
CA LEU A 194 10.19 -1.93 2.04
C LEU A 194 8.85 -1.26 2.23
N TYR A 195 7.95 -1.49 1.29
CA TYR A 195 6.57 -1.04 1.39
C TYR A 195 5.74 -2.19 1.90
N GLY A 196 5.34 -2.13 3.16
CA GLY A 196 4.65 -3.24 3.80
C GLY A 196 3.17 -3.30 3.47
N GLY A 197 2.59 -2.21 3.01
CA GLY A 197 1.15 -2.16 2.86
C GLY A 197 0.50 -2.40 4.21
N CYS A 198 -0.75 -2.88 4.19
CA CYS A 198 -1.53 -2.93 5.39
C CYS A 198 -1.16 -4.09 6.33
N ALA A 199 -0.25 -4.96 5.89
CA ALA A 199 0.37 -5.94 6.78
C ALA A 199 1.33 -5.32 7.78
N VAL A 200 1.68 -4.05 7.60
CA VAL A 200 2.62 -3.36 8.49
C VAL A 200 1.98 -2.10 9.01
N HIS A 201 2.05 -1.90 10.31
CA HIS A 201 1.53 -0.72 10.98
C HIS A 201 2.63 0.22 11.43
N GLU A 202 2.22 1.48 11.57
CA GLU A 202 3.13 2.53 12.02
C GLU A 202 3.45 2.39 13.50
N LEU A 203 4.59 2.97 13.89
CA LEU A 203 5.06 2.83 15.29
C LEU A 203 4.10 3.38 16.33
N SER A 204 3.36 4.46 16.02
CA SER A 204 2.46 5.02 17.02
C SER A 204 1.18 4.25 17.18
N SER A 205 0.94 3.24 16.36
CA SER A 205 -0.32 2.54 16.45
C SER A 205 -0.44 1.79 17.76
N THR A 206 -1.65 1.75 18.28
N THR A 206 -1.68 1.75 18.26
CA THR A 206 -1.95 0.96 19.47
CA THR A 206 -2.02 1.04 19.50
C THR A 206 -2.65 -0.35 19.15
C THR A 206 -3.02 -0.10 19.27
N SER A 207 -3.35 -0.39 18.05
CA SER A 207 -4.28 -1.44 17.75
C SER A 207 -3.91 -1.80 16.32
N ALA A 208 -4.42 -2.92 15.89
CA ALA A 208 -4.01 -3.49 14.62
C ALA A 208 -4.92 -3.07 13.48
N GLY A 209 -5.54 -1.89 13.55
CA GLY A 209 -6.33 -1.42 12.40
C GLY A 209 -7.62 -2.19 12.16
N ASN A 210 -8.01 -2.28 10.90
CA ASN A 210 -9.22 -3.01 10.55
C ASN A 210 -8.85 -4.46 10.24
N VAL A 211 -9.21 -5.34 11.18
CA VAL A 211 -8.79 -6.72 11.19
C VAL A 211 -9.90 -7.64 10.69
N ALA A 212 -10.95 -7.10 10.04
CA ALA A 212 -12.08 -7.95 9.70
C ALA A 212 -11.68 -9.13 8.82
N ASP A 213 -10.72 -8.92 7.93
CA ASP A 213 -10.29 -9.93 6.97
C ASP A 213 -8.93 -10.52 7.30
N ALA A 214 -8.43 -10.29 8.50
CA ALA A 214 -7.10 -10.67 8.90
C ALA A 214 -7.03 -12.10 9.38
N ASP A 215 -5.79 -12.61 9.49
CA ASP A 215 -5.50 -13.87 10.15
C ASP A 215 -4.53 -13.51 11.27
N LEU A 216 -5.08 -13.21 12.48
CA LEU A 216 -4.23 -12.75 13.59
C LEU A 216 -3.21 -13.80 14.02
N ALA A 217 -3.56 -15.08 13.90
CA ALA A 217 -2.63 -16.13 14.31
C ALA A 217 -1.46 -16.28 13.34
N GLU A 218 -1.70 -16.13 12.03
CA GLU A 218 -0.65 -16.24 11.03
C GLU A 218 0.16 -14.96 10.85
N TRP A 219 -0.43 -13.81 11.18
CA TRP A 219 0.22 -12.53 10.93
C TRP A 219 1.64 -12.47 11.48
N PRO A 220 1.93 -12.83 12.73
CA PRO A 220 3.33 -12.74 13.18
C PRO A 220 4.27 -13.60 12.36
N THR A 221 3.84 -14.80 11.93
CA THR A 221 4.68 -15.64 11.11
C THR A 221 4.93 -14.99 9.76
N SER A 222 3.90 -14.35 9.20
CA SER A 222 4.09 -13.62 7.95
C SER A 222 5.05 -12.45 8.10
N VAL A 223 4.96 -11.72 9.21
CA VAL A 223 5.93 -10.65 9.48
C VAL A 223 7.33 -11.19 9.64
N GLU A 224 7.47 -12.34 10.33
N GLU A 224 7.48 -12.35 10.30
CA GLU A 224 8.79 -12.95 10.47
CA GLU A 224 8.82 -12.91 10.46
C GLU A 224 9.38 -13.27 9.10
C GLU A 224 9.39 -13.31 9.10
N ARG A 225 8.54 -13.71 8.15
CA ARG A 225 9.02 -14.02 6.79
C ARG A 225 9.52 -12.75 6.12
N ILE A 226 8.80 -11.63 6.31
CA ILE A 226 9.27 -10.36 5.76
C ILE A 226 10.63 -9.99 6.34
N GLN A 227 10.76 -10.07 7.67
CA GLN A 227 12.01 -9.74 8.32
C GLN A 227 13.17 -10.59 7.80
N LYS A 228 12.93 -11.88 7.58
CA LYS A 228 13.99 -12.73 7.09
C LYS A 228 14.35 -12.44 5.65
N HIS A 229 13.36 -12.07 4.86
N HIS A 229 13.38 -12.06 4.84
CA HIS A 229 13.61 -11.83 3.44
CA HIS A 229 13.66 -11.88 3.42
C HIS A 229 14.28 -10.51 3.15
C HIS A 229 14.18 -10.49 3.07
N TYR A 230 13.99 -9.48 3.94
CA TYR A 230 14.43 -8.13 3.67
C TYR A 230 15.18 -7.53 4.85
N PRO A 231 16.29 -8.14 5.25
CA PRO A 231 17.02 -7.69 6.43
C PRO A 231 17.77 -6.42 6.22
N GLU A 232 17.93 -5.97 4.99
CA GLU A 232 18.66 -4.75 4.70
C GLU A 232 17.75 -3.58 4.43
N ALA A 233 16.45 -3.73 4.65
CA ALA A 233 15.54 -2.61 4.44
C ALA A 233 15.97 -1.42 5.30
N GLU A 234 15.94 -0.26 4.69
CA GLU A 234 16.29 0.97 5.40
C GLU A 234 15.11 1.87 5.72
N VAL A 235 14.09 1.85 4.92
CA VAL A 235 12.84 2.54 5.16
C VAL A 235 11.76 1.49 5.05
N VAL A 236 10.83 1.51 5.98
CA VAL A 236 9.65 0.66 6.01
C VAL A 236 8.43 1.57 5.98
N ILE A 237 7.54 1.34 5.03
CA ILE A 237 6.33 2.18 4.84
C ILE A 237 5.10 1.35 5.18
N PRO A 238 4.29 1.78 6.14
CA PRO A 238 3.05 1.05 6.48
C PRO A 238 1.95 1.44 5.50
N GLY A 239 0.86 0.67 5.51
CA GLY A 239 -0.27 0.98 4.69
C GLY A 239 -0.95 2.27 5.07
N HIS A 240 -0.88 2.63 6.35
CA HIS A 240 -1.47 3.84 6.92
C HIS A 240 -0.45 4.38 7.90
N GLY A 241 -0.16 5.67 7.82
CA GLY A 241 0.67 6.31 8.82
C GLY A 241 2.12 6.53 8.41
N LEU A 242 2.95 6.79 9.41
N LEU A 242 2.95 6.81 9.41
CA LEU A 242 4.29 7.31 9.20
CA LEU A 242 4.28 7.32 9.13
C LEU A 242 5.31 6.22 8.84
C LEU A 242 5.28 6.20 8.81
N PRO A 243 6.13 6.42 7.81
CA PRO A 243 7.27 5.50 7.59
C PRO A 243 8.26 5.55 8.76
N GLY A 244 9.03 4.49 8.88
CA GLY A 244 10.15 4.41 9.81
C GLY A 244 11.14 3.41 9.33
N GLY A 245 11.79 2.73 10.25
CA GLY A 245 12.76 1.71 9.94
C GLY A 245 12.21 0.30 10.22
N LEU A 246 13.12 -0.66 10.32
CA LEU A 246 12.75 -2.06 10.52
C LEU A 246 11.92 -2.28 11.77
N ASP A 247 11.98 -1.40 12.77
CA ASP A 247 11.21 -1.57 13.97
C ASP A 247 9.73 -1.66 13.70
N LEU A 248 9.21 -1.10 12.59
CA LEU A 248 7.80 -1.23 12.31
C LEU A 248 7.38 -2.68 12.24
N LEU A 249 8.26 -3.57 11.77
CA LEU A 249 7.90 -4.96 11.63
C LEU A 249 7.65 -5.63 13.00
N GLN A 250 8.61 -5.52 13.92
CA GLN A 250 8.38 -6.07 15.25
C GLN A 250 7.22 -5.41 15.96
N HIS A 251 7.09 -4.09 15.83
CA HIS A 251 5.97 -3.41 16.47
C HIS A 251 4.65 -3.94 15.95
N THR A 252 4.55 -4.20 14.63
CA THR A 252 3.34 -4.76 14.07
C THR A 252 3.02 -6.11 14.71
N ALA A 253 4.00 -6.99 14.78
CA ALA A 253 3.77 -8.28 15.43
C ALA A 253 3.25 -8.07 16.83
N ASN A 254 3.85 -7.13 17.58
CA ASN A 254 3.44 -6.87 18.95
C ASN A 254 2.00 -6.41 19.04
N VAL A 255 1.61 -5.44 18.22
CA VAL A 255 0.24 -4.96 18.31
C VAL A 255 -0.77 -5.99 17.86
N VAL A 256 -0.39 -6.86 16.93
CA VAL A 256 -1.31 -7.88 16.49
C VAL A 256 -1.49 -8.93 17.57
N LYS A 257 -0.37 -9.37 18.22
CA LYS A 257 -0.46 -10.37 19.30
C LYS A 257 -1.31 -9.83 20.44
N ALA A 258 -1.25 -8.53 20.72
CA ALA A 258 -2.04 -8.02 21.85
C ALA A 258 -3.51 -7.85 21.46
N HIS A 259 -3.77 -7.59 20.19
CA HIS A 259 -5.14 -7.56 19.68
C HIS A 259 -5.76 -8.95 19.81
N LYS A 260 -5.12 -9.96 19.21
CA LYS A 260 -5.58 -11.35 19.31
C LYS A 260 -5.90 -11.73 20.75
N ASN A 261 -5.01 -11.38 21.67
N ASN A 261 -5.00 -11.43 21.67
CA ASN A 261 -5.20 -11.71 23.08
CA ASN A 261 -5.23 -11.77 23.07
C ASN A 261 -6.07 -10.67 23.83
C ASN A 261 -5.86 -10.61 23.85
ZN ZN B . -6.98 -3.68 3.99
ZN ZN C . -5.42 -0.65 4.86
C15 YR8 D . -6.15 -1.12 7.76
C15 YR8 D . -6.08 -1.06 7.76
C18 YR8 D . -8.07 0.50 8.39
C18 YR8 D . -8.01 0.60 8.34
C19 YR8 D . -7.46 1.16 9.60
C19 YR8 D . -7.41 1.24 9.58
C20 YR8 D . -8.18 1.39 10.75
C20 YR8 D . -6.06 1.56 9.54
C21 YR8 D . -7.54 2.00 11.82
C21 YR8 D . -5.46 2.14 10.65
C22 YR8 D . -6.24 2.44 11.81
C22 YR8 D . -6.19 2.39 11.79
C23 YR8 D . -5.59 3.14 13.01
C23 YR8 D . -5.51 3.04 13.01
C25 YR8 D . -3.52 1.04 13.25
C25 YR8 D . -3.51 0.83 13.13
C12 YR8 D . -9.43 -0.03 6.65
C12 YR8 D . -9.34 0.09 6.61
N13 YR8 D . -8.25 -0.70 6.53
N13 YR8 D . -8.23 -0.65 6.53
C01 YR8 D . -10.49 0.21 3.43
C01 YR8 D . -10.53 0.08 3.26
C02 YR8 D . -10.54 -0.87 4.51
C02 YR8 D . -10.55 -0.75 4.54
C04 YR8 D . -11.73 -2.71 5.18
C04 YR8 D . -11.71 -2.61 5.38
C05 YR8 D . -12.94 -3.58 5.02
C05 YR8 D . -12.89 -3.52 5.02
C06 YR8 D . -13.14 -4.54 6.13
C06 YR8 D . -12.91 -4.68 5.95
C07 YR8 D . -14.58 -5.02 6.43
C07 YR8 D . -14.32 -5.12 6.38
C09 YR8 D . -15.47 -3.81 4.61
C09 YR8 D . -15.44 -3.56 4.88
C10 YR8 D . -14.15 -3.11 4.35
C10 YR8 D . -14.14 -2.75 4.96
C11 YR8 D . -10.59 -0.07 5.83
C11 YR8 D . -10.48 0.14 5.78
C14 YR8 D . -7.44 -0.41 7.55
C14 YR8 D . -7.43 -0.37 7.53
C28 YR8 D . -5.53 2.23 10.64
C28 YR8 D . -7.52 2.06 11.81
C30 YR8 D . -6.14 1.62 9.53
C30 YR8 D . -8.14 1.49 10.72
C31 YR8 D . -9.33 0.73 7.83
C31 YR8 D . -9.24 0.90 7.72
C32 YR8 D . -10.42 1.58 8.17
C32 YR8 D . -10.28 1.79 8.04
C33 YR8 D . -11.56 1.54 7.38
C33 YR8 D . -11.40 1.84 7.21
C34 YR8 D . -11.68 0.73 6.22
C34 YR8 D . -11.50 1.02 6.09
F29 YR8 D . -4.21 2.60 10.49
F29 YR8 D . -8.24 2.32 12.93
N08 YR8 D . -15.45 -5.14 5.26
N08 YR8 D . -15.29 -4.99 5.26
O03 YR8 D . -11.72 -1.60 4.33
O03 YR8 D . -11.75 -1.46 4.58
O16 YR8 D . -5.49 -1.51 6.76
O16 YR8 D . -5.37 -1.38 6.77
O17 YR8 D . -5.92 -1.55 8.94
O17 YR8 D . -5.70 -1.30 8.94
O26 YR8 D . -5.84 0.91 14.50
O26 YR8 D . -5.72 0.91 14.72
O27 YR8 D . -4.19 2.53 15.25
O27 YR8 D . -4.03 2.41 15.22
S24 YR8 D . -4.83 1.91 14.13
S24 YR8 D . -4.73 1.79 14.08
H201 YR8 D . -9.23 1.10 10.81
H201 YR8 D . -5.48 1.38 8.65
H211 YR8 D . -8.11 2.13 12.73
H211 YR8 D . -4.41 2.41 10.62
H232 YR8 D . -4.82 3.82 12.66
H232 YR8 D . -4.76 3.74 12.66
H231 YR8 D . -6.35 3.69 13.56
H231 YR8 D . -6.26 3.57 13.58
H251 YR8 D . -2.90 0.51 13.97
H251 YR8 D . -2.85 0.29 13.81
H253 YR8 D . -2.91 1.76 12.71
H253 YR8 D . -2.93 1.50 12.51
H252 YR8 D . -3.96 0.34 12.55
H252 YR8 D . -4.03 0.11 12.50
H131 YR8 D . -8.02 -1.33 5.78
H131 YR8 D . -8.04 -1.33 5.80
H012 YR8 D . -9.73 0.93 3.69
H012 YR8 D . -9.76 0.84 3.33
H013 YR8 D . -11.46 0.71 3.38
H013 YR8 D . -11.50 0.57 3.13
H011 YR8 D . -10.27 -0.25 2.48
H011 YR8 D . -10.34 -0.56 2.41
H021 YR8 D . -9.75 -1.62 4.48
H021 YR8 D . -9.73 -1.46 4.54
H041 YR8 D . -10.85 -3.30 4.96
H041 YR8 D . -10.78 -3.14 5.21
H042 YR8 D . -11.69 -2.36 6.20
H042 YR8 D . -11.78 -2.32 6.42
H051 YR8 D . -12.53 -4.09 4.15
H051 YR8 D . -12.72 -3.92 4.02
H061 YR8 D . -12.54 -5.42 5.91
H061 YR8 D . -12.43 -5.52 5.46
H062 YR8 D . -12.76 -4.06 7.04
H062 YR8 D . -12.36 -4.42 6.85
H071 YR8 D . -15.03 -4.32 7.11
H071 YR8 D . -14.65 -4.49 7.19
H072 YR8 D . -14.52 -5.99 6.90
H072 YR8 D . -14.29 -6.15 6.70
H091 YR8 D . -16.06 -3.16 5.25
H091 YR8 D . -16.15 -3.11 5.55
H092 YR8 D . -15.97 -3.93 3.65
H092 YR8 D . -15.81 -3.51 3.87
H101 YR8 D . -13.98 -3.16 3.28
H101 YR8 D . -14.10 -2.11 4.07
H102 YR8 D . -14.30 -2.07 4.64
H102 YR8 D . -14.20 -2.11 5.84
H301 YR8 D . -5.59 1.51 8.62
H301 YR8 D . -9.20 1.24 10.75
H321 YR8 D . -10.36 2.24 9.03
H321 YR8 D . -10.21 2.43 8.90
H331 YR8 D . -12.40 2.17 7.65
H331 YR8 D . -12.21 2.53 7.45
H341 YR8 D . -12.60 0.71 5.65
H341 YR8 D . -12.39 1.06 5.46
H081 YR8 D . -15.15 -5.86 4.62
H081 YR8 D . -14.99 -5.54 4.47
#